data_5CWD
#
_entry.id   5CWD
#
_cell.length_a   84.881
_cell.length_b   29.449
_cell.length_c   63.432
_cell.angle_alpha   90.000
_cell.angle_beta   123.510
_cell.angle_gamma   90.000
#
_symmetry.space_group_name_H-M   'C 1 2 1'
#
_entity_poly.entity_id   1
_entity_poly.type   'polypeptide(L)'
_entity_poly.pdbx_seq_one_letter_code
;MSTKEDARSTCEKAARKAAESNDEEVAKQAAKDCLEVAKQAGMPTKEAARSFCEAAARAAAESNDEEVAKIAAKACLEVA
KQAGMPTKEAARSFCEAAARAAAESNDEEVAKIAAKACLEVAKQAGMPTKEAARSFCEAAKRAAKESNDEEVEKIAKKAC
KEVAKQAGMPWLEHHHHHH
;
_entity_poly.pdbx_strand_id   A
#
# COMPACT_ATOMS: atom_id res chain seq x y z
N THR A 3 -17.02 15.98 -7.62
CA THR A 3 -17.51 14.63 -7.42
C THR A 3 -16.44 13.76 -6.75
N LYS A 4 -16.87 12.84 -5.90
CA LYS A 4 -15.94 12.00 -5.16
C LYS A 4 -15.20 11.03 -6.06
N GLU A 5 -15.89 10.50 -7.07
CA GLU A 5 -15.28 9.55 -7.99
C GLU A 5 -14.12 10.21 -8.74
N ASP A 6 -14.32 11.47 -9.11
CA ASP A 6 -13.25 12.25 -9.71
C ASP A 6 -12.06 12.32 -8.77
N ALA A 7 -12.34 12.58 -7.49
CA ALA A 7 -11.29 12.71 -6.49
C ALA A 7 -10.52 11.41 -6.33
N ARG A 8 -11.25 10.29 -6.18
CA ARG A 8 -10.63 8.98 -6.09
C ARG A 8 -9.75 8.71 -7.31
N SER A 9 -10.35 8.91 -8.49
CA SER A 9 -9.64 8.71 -9.74
C SER A 9 -8.36 9.55 -9.77
N THR A 10 -8.49 10.81 -9.40
CA THR A 10 -7.36 11.74 -9.39
C THR A 10 -6.29 11.26 -8.43
N CYS A 11 -6.71 10.79 -7.26
CA CYS A 11 -5.78 10.32 -6.25
C CYS A 11 -5.05 9.07 -6.72
N GLU A 12 -5.77 8.14 -7.35
CA GLU A 12 -5.14 6.93 -7.86
C GLU A 12 -4.17 7.24 -8.99
N LYS A 13 -4.63 8.02 -9.96
CA LYS A 13 -3.79 8.44 -11.08
C LYS A 13 -2.55 9.16 -10.56
N ALA A 14 -2.77 10.07 -9.61
CA ALA A 14 -1.68 10.81 -9.00
C ALA A 14 -0.72 9.86 -8.29
N ALA A 15 -1.26 8.87 -7.60
CA ALA A 15 -0.45 7.87 -6.93
C ALA A 15 0.43 7.14 -7.92
N ARG A 16 -0.17 6.65 -9.00
CA ARG A 16 0.61 5.98 -10.04
C ARG A 16 1.68 6.91 -10.60
N LYS A 17 1.30 8.13 -10.94
CA LYS A 17 2.26 9.11 -11.44
C LYS A 17 3.38 9.38 -10.45
N ALA A 18 3.04 9.34 -9.17
CA ALA A 18 4.04 9.53 -8.12
C ALA A 18 4.95 8.30 -7.99
N ALA A 19 4.36 7.13 -8.19
CA ALA A 19 5.12 5.87 -8.12
C ALA A 19 6.07 5.72 -9.30
N GLU A 20 5.63 6.12 -10.49
CA GLU A 20 6.45 6.04 -11.69
C GLU A 20 7.70 6.91 -11.59
N SER A 21 7.53 8.11 -11.05
CA SER A 21 8.65 9.04 -10.90
C SER A 21 9.46 8.71 -9.66
N ASN A 22 10.76 8.98 -9.71
CA ASN A 22 11.65 8.74 -8.57
C ASN A 22 11.89 10.02 -7.77
N ASP A 23 11.65 11.17 -8.39
CA ASP A 23 11.76 12.44 -7.69
C ASP A 23 10.60 12.61 -6.70
N GLU A 24 10.91 13.06 -5.50
CA GLU A 24 9.93 13.19 -4.43
C GLU A 24 8.98 14.37 -4.65
N GLU A 25 9.52 15.47 -5.16
CA GLU A 25 8.74 16.69 -5.37
C GLU A 25 7.51 16.39 -6.23
N VAL A 26 7.70 15.48 -7.18
CA VAL A 26 6.59 15.03 -8.03
C VAL A 26 5.52 14.37 -7.17
N ALA A 27 5.95 13.50 -6.25
CA ALA A 27 5.03 12.80 -5.37
C ALA A 27 4.31 13.78 -4.46
N LYS A 28 5.05 14.72 -3.88
CA LYS A 28 4.47 15.74 -3.02
C LYS A 28 3.42 16.54 -3.79
N GLN A 29 3.79 16.99 -4.99
CA GLN A 29 2.86 17.72 -5.85
C GLN A 29 1.62 16.88 -6.13
N ALA A 30 1.84 15.62 -6.49
CA ALA A 30 0.74 14.70 -6.76
C ALA A 30 -0.20 14.59 -5.57
N ALA A 31 0.38 14.45 -4.38
CA ALA A 31 -0.40 14.41 -3.14
C ALA A 31 -1.20 15.69 -2.97
N LYS A 32 -0.52 16.83 -3.08
CA LYS A 32 -1.19 18.12 -2.95
C LYS A 32 -2.37 18.24 -3.93
N ASP A 33 -2.15 17.80 -5.16
CA ASP A 33 -3.22 17.83 -6.16
C ASP A 33 -4.37 16.92 -5.73
N CYS A 34 -4.04 15.70 -5.32
CA CYS A 34 -5.04 14.75 -4.83
C CYS A 34 -5.88 15.37 -3.72
N LEU A 35 -5.23 15.98 -2.75
CA LEU A 35 -5.94 16.62 -1.64
C LEU A 35 -6.76 17.80 -2.12
N GLU A 36 -6.21 18.61 -3.02
CA GLU A 36 -6.94 19.75 -3.56
C GLU A 36 -8.24 19.30 -4.21
N VAL A 37 -8.14 18.34 -5.13
CA VAL A 37 -9.34 17.82 -5.81
C VAL A 37 -10.26 17.16 -4.79
N ALA A 38 -9.69 16.48 -3.82
CA ALA A 38 -10.49 15.89 -2.75
C ALA A 38 -11.23 16.96 -1.97
N LYS A 39 -10.60 18.12 -1.80
CA LYS A 39 -11.22 19.24 -1.10
C LYS A 39 -12.32 19.86 -1.95
N GLN A 40 -12.04 20.02 -3.24
CA GLN A 40 -13.03 20.52 -4.19
C GLN A 40 -14.22 19.58 -4.26
N ALA A 41 -13.92 18.29 -4.37
CA ALA A 41 -14.96 17.26 -4.45
C ALA A 41 -15.71 17.14 -3.13
N GLY A 42 -15.20 17.80 -2.09
CA GLY A 42 -15.81 17.76 -0.78
C GLY A 42 -15.60 16.42 -0.12
N MET A 43 -14.51 15.75 -0.50
CA MET A 43 -14.15 14.47 0.09
C MET A 43 -13.22 14.68 1.28
N PRO A 44 -13.41 13.89 2.35
CA PRO A 44 -12.48 14.00 3.49
C PRO A 44 -11.04 13.71 3.08
N THR A 45 -10.10 14.51 3.57
CA THR A 45 -8.69 14.35 3.23
C THR A 45 -8.18 12.96 3.63
N LYS A 46 -8.65 12.46 4.76
CA LYS A 46 -8.24 11.14 5.24
C LYS A 46 -8.53 10.06 4.21
N GLU A 47 -9.79 10.04 3.74
CA GLU A 47 -10.22 9.01 2.80
C GLU A 47 -9.48 9.18 1.48
N ALA A 48 -9.24 10.42 1.09
CA ALA A 48 -8.46 10.71 -0.11
C ALA A 48 -7.07 10.10 0.01
N ALA A 49 -6.37 10.46 1.08
CA ALA A 49 -5.04 9.94 1.35
C ALA A 49 -5.05 8.42 1.45
N ARG A 50 -6.11 7.88 2.02
N ARG A 50 -6.11 7.88 2.03
CA ARG A 50 -6.27 6.43 2.14
CA ARG A 50 -6.27 6.43 2.14
C ARG A 50 -6.31 5.79 0.76
C ARG A 50 -6.29 5.80 0.75
N SER A 51 -7.22 6.26 -0.09
CA SER A 51 -7.35 5.76 -1.44
C SER A 51 -6.05 5.95 -2.22
N PHE A 52 -5.38 7.06 -1.93
CA PHE A 52 -4.08 7.35 -2.53
C PHE A 52 -3.05 6.28 -2.13
N CYS A 53 -2.98 5.99 -0.84
CA CYS A 53 -2.04 5.00 -0.33
C CYS A 53 -2.33 3.61 -0.87
N GLU A 54 -3.62 3.23 -0.88
CA GLU A 54 -4.00 1.94 -1.42
C GLU A 54 -3.65 1.85 -2.91
N ALA A 55 -3.98 2.91 -3.66
CA ALA A 55 -3.62 2.96 -5.07
C ALA A 55 -2.10 2.87 -5.25
N ALA A 56 -1.37 3.57 -4.38
CA ALA A 56 0.08 3.60 -4.42
C ALA A 56 0.67 2.21 -4.18
N ALA A 57 0.13 1.51 -3.18
CA ALA A 57 0.54 0.14 -2.92
C ALA A 57 0.23 -0.75 -4.11
N ARG A 58 -0.99 -0.60 -4.65
CA ARG A 58 -1.39 -1.32 -5.85
C ARG A 58 -0.37 -1.13 -6.98
N ALA A 59 -0.02 0.13 -7.23
CA ALA A 59 0.96 0.46 -8.26
C ALA A 59 2.30 -0.18 -7.97
N ALA A 60 2.81 0.05 -6.76
CA ALA A 60 4.11 -0.50 -6.36
C ALA A 60 4.12 -2.02 -6.51
N ALA A 61 2.98 -2.65 -6.26
CA ALA A 61 2.85 -4.09 -6.47
C ALA A 61 2.92 -4.42 -7.96
N GLU A 62 2.03 -3.82 -8.74
CA GLU A 62 1.95 -4.13 -10.17
C GLU A 62 3.19 -3.71 -10.93
N SER A 63 3.98 -2.80 -10.35
CA SER A 63 5.22 -2.35 -10.99
C SER A 63 6.25 -3.46 -10.97
N ASN A 64 6.28 -4.20 -9.87
CA ASN A 64 7.22 -5.31 -9.69
C ASN A 64 8.66 -4.83 -9.59
N ASP A 65 8.85 -3.59 -9.12
CA ASP A 65 10.19 -3.05 -8.89
C ASP A 65 10.38 -2.69 -7.42
N GLU A 66 11.61 -2.80 -6.93
CA GLU A 66 11.89 -2.64 -5.51
C GLU A 66 12.00 -1.17 -5.08
N GLU A 67 12.27 -0.28 -6.02
CA GLU A 67 12.41 1.14 -5.71
C GLU A 67 11.04 1.83 -5.73
N VAL A 68 10.21 1.41 -6.67
CA VAL A 68 8.85 1.91 -6.77
C VAL A 68 8.11 1.65 -5.46
N ALA A 69 8.52 0.58 -4.78
CA ALA A 69 8.00 0.29 -3.45
C ALA A 69 8.33 1.43 -2.49
N LYS A 70 9.61 1.77 -2.40
CA LYS A 70 10.05 2.87 -1.53
C LYS A 70 9.37 4.18 -1.89
N ILE A 71 9.34 4.48 -3.18
CA ILE A 71 8.72 5.72 -3.66
C ILE A 71 7.24 5.74 -3.25
N ALA A 72 6.53 4.64 -3.52
CA ALA A 72 5.12 4.53 -3.17
C ALA A 72 4.93 4.69 -1.66
N ALA A 73 5.84 4.10 -0.90
CA ALA A 73 5.82 4.23 0.55
C ALA A 73 5.89 5.69 0.96
N LYS A 74 6.99 6.34 0.60
CA LYS A 74 7.19 7.74 1.00
C LYS A 74 6.04 8.61 0.51
N ALA A 75 5.56 8.34 -0.71
CA ALA A 75 4.44 9.10 -1.27
C ALA A 75 3.19 8.95 -0.41
N CYS A 76 2.87 7.70 -0.08
CA CYS A 76 1.75 7.42 0.81
C CYS A 76 1.90 8.19 2.11
N LEU A 77 3.07 8.07 2.72
CA LEU A 77 3.32 8.79 3.96
C LEU A 77 3.31 10.30 3.73
N GLU A 78 3.65 10.73 2.52
CA GLU A 78 3.66 12.14 2.19
C GLU A 78 2.25 12.70 2.17
N VAL A 79 1.38 12.08 1.38
CA VAL A 79 -0.02 12.52 1.31
C VAL A 79 -0.66 12.34 2.68
N ALA A 80 -0.27 11.30 3.41
CA ALA A 80 -0.74 11.11 4.77
C ALA A 80 -0.35 12.32 5.64
N LYS A 81 0.91 12.70 5.60
CA LYS A 81 1.37 13.89 6.34
C LYS A 81 0.69 15.14 5.81
N GLN A 82 0.37 15.13 4.52
CA GLN A 82 -0.27 16.27 3.87
C GLN A 82 -1.75 16.37 4.29
N ALA A 83 -2.37 15.21 4.49
CA ALA A 83 -3.80 15.13 4.76
C ALA A 83 -4.14 15.12 6.25
N GLY A 84 -3.10 15.19 7.10
CA GLY A 84 -3.30 15.14 8.53
C GLY A 84 -3.84 13.79 8.98
N MET A 85 -3.59 12.75 8.20
CA MET A 85 -3.98 11.39 8.57
C MET A 85 -2.85 10.75 9.39
N PRO A 86 -3.20 9.89 10.36
CA PRO A 86 -2.15 9.18 11.09
C PRO A 86 -1.32 8.26 10.21
N THR A 87 -0.04 8.13 10.51
CA THR A 87 0.88 7.36 9.68
C THR A 87 0.68 5.86 9.84
N LYS A 88 0.32 5.44 11.06
CA LYS A 88 0.03 4.04 11.33
C LYS A 88 -1.11 3.56 10.43
N GLU A 89 -2.16 4.38 10.37
CA GLU A 89 -3.31 4.13 9.51
C GLU A 89 -2.86 3.96 8.06
N ALA A 90 -2.17 4.98 7.56
CA ALA A 90 -1.64 4.99 6.21
C ALA A 90 -0.89 3.70 5.93
N ALA A 91 0.07 3.38 6.79
CA ALA A 91 0.90 2.21 6.61
C ALA A 91 0.09 0.93 6.61
N ARG A 92 -0.87 0.83 7.52
CA ARG A 92 -1.74 -0.33 7.58
C ARG A 92 -2.51 -0.51 6.27
N SER A 93 -3.16 0.57 5.83
CA SER A 93 -3.93 0.53 4.58
C SER A 93 -3.04 0.14 3.41
N PHE A 94 -1.87 0.77 3.34
CA PHE A 94 -0.89 0.46 2.32
C PHE A 94 -0.54 -1.02 2.32
N CYS A 95 -0.18 -1.53 3.49
CA CYS A 95 0.19 -2.95 3.63
C CYS A 95 -0.94 -3.88 3.21
N GLU A 96 -2.14 -3.65 3.74
CA GLU A 96 -3.29 -4.47 3.40
C GLU A 96 -3.56 -4.45 1.89
N ALA A 97 -3.62 -3.25 1.31
CA ALA A 97 -3.84 -3.12 -0.13
C ALA A 97 -2.74 -3.82 -0.92
N ALA A 98 -1.50 -3.70 -0.43
CA ALA A 98 -0.37 -4.35 -1.05
C ALA A 98 -0.53 -5.87 -1.02
N ALA A 99 -0.94 -6.39 0.14
CA ALA A 99 -1.14 -7.81 0.30
C ALA A 99 -2.24 -8.30 -0.64
N ARG A 100 -3.33 -7.53 -0.71
CA ARG A 100 -4.43 -7.88 -1.60
C ARG A 100 -3.98 -7.90 -3.05
N ALA A 101 -3.31 -6.85 -3.49
CA ALA A 101 -2.78 -6.80 -4.85
C ALA A 101 -1.88 -8.00 -5.10
N ALA A 102 -0.97 -8.24 -4.16
CA ALA A 102 -0.05 -9.38 -4.26
C ALA A 102 -0.82 -10.69 -4.35
N ALA A 103 -1.91 -10.79 -3.61
CA ALA A 103 -2.75 -11.98 -3.67
C ALA A 103 -3.41 -12.07 -5.04
N GLU A 104 -3.82 -10.93 -5.57
CA GLU A 104 -4.53 -10.88 -6.85
C GLU A 104 -3.60 -11.15 -8.02
N SER A 105 -2.34 -10.75 -7.91
CA SER A 105 -1.38 -10.97 -8.99
C SER A 105 -0.98 -12.44 -9.09
N ASN A 106 -1.03 -13.14 -7.96
CA ASN A 106 -0.62 -14.53 -7.88
C ASN A 106 0.82 -14.74 -8.39
N ASP A 107 1.75 -14.00 -7.80
CA ASP A 107 3.16 -14.06 -8.19
C ASP A 107 4.05 -13.84 -6.98
N GLU A 108 4.95 -14.78 -6.71
CA GLU A 108 5.83 -14.71 -5.55
C GLU A 108 6.75 -13.51 -5.59
N GLU A 109 7.20 -13.14 -6.79
CA GLU A 109 8.00 -11.94 -6.96
C GLU A 109 7.23 -10.75 -6.43
N VAL A 110 6.05 -10.54 -7.02
CA VAL A 110 5.15 -9.47 -6.60
C VAL A 110 4.91 -9.55 -5.10
N ALA A 111 4.83 -10.76 -4.57
CA ALA A 111 4.59 -10.96 -3.14
C ALA A 111 5.77 -10.44 -2.32
N LYS A 112 6.98 -10.79 -2.74
CA LYS A 112 8.19 -10.29 -2.09
C LYS A 112 8.23 -8.77 -2.17
N ILE A 113 7.96 -8.23 -3.35
CA ILE A 113 7.88 -6.79 -3.56
C ILE A 113 6.88 -6.17 -2.58
N ALA A 114 5.70 -6.79 -2.47
CA ALA A 114 4.64 -6.27 -1.61
C ALA A 114 5.08 -6.29 -0.15
N ALA A 115 5.64 -7.42 0.28
CA ALA A 115 6.12 -7.55 1.65
C ALA A 115 7.15 -6.47 1.96
N LYS A 116 8.18 -6.40 1.11
CA LYS A 116 9.24 -5.42 1.29
C LYS A 116 8.65 -4.03 1.36
N ALA A 117 7.76 -3.73 0.43
CA ALA A 117 7.10 -2.44 0.37
C ALA A 117 6.39 -2.13 1.69
N CYS A 118 5.45 -2.98 2.06
CA CYS A 118 4.71 -2.84 3.31
C CYS A 118 5.64 -2.57 4.49
N LEU A 119 6.61 -3.46 4.67
CA LEU A 119 7.52 -3.34 5.80
C LEU A 119 8.34 -2.05 5.72
N GLU A 120 8.64 -1.60 4.50
CA GLU A 120 9.33 -0.32 4.33
C GLU A 120 8.43 0.84 4.76
N VAL A 121 7.16 0.80 4.36
CA VAL A 121 6.21 1.81 4.80
C VAL A 121 6.16 1.84 6.31
N ALA A 122 5.96 0.66 6.90
CA ALA A 122 5.94 0.51 8.35
C ALA A 122 7.19 1.13 8.96
N LYS A 123 8.34 0.78 8.40
CA LYS A 123 9.61 1.31 8.86
C LYS A 123 9.59 2.84 8.86
N GLN A 124 9.25 3.42 7.73
CA GLN A 124 9.21 4.88 7.61
C GLN A 124 8.09 5.52 8.42
N ALA A 125 7.05 4.73 8.68
CA ALA A 125 5.85 5.26 9.34
C ALA A 125 5.97 5.29 10.86
N GLY A 126 6.65 4.30 11.42
CA GLY A 126 6.77 4.16 12.85
C GLY A 126 5.89 3.05 13.40
N MET A 127 5.39 2.21 12.51
CA MET A 127 4.64 1.02 12.90
C MET A 127 5.61 -0.16 13.02
N PRO A 128 5.48 -0.96 14.10
CA PRO A 128 6.40 -2.10 14.26
C PRO A 128 6.36 -3.08 13.10
N THR A 129 7.50 -3.68 12.79
CA THR A 129 7.58 -4.65 11.70
C THR A 129 6.60 -5.81 11.95
N LYS A 130 6.44 -6.16 13.22
CA LYS A 130 5.55 -7.25 13.60
C LYS A 130 4.11 -6.96 13.19
N GLU A 131 3.57 -5.84 13.66
CA GLU A 131 2.19 -5.47 13.36
C GLU A 131 1.97 -5.35 11.86
N ALA A 132 2.93 -4.75 11.17
CA ALA A 132 2.85 -4.59 9.71
C ALA A 132 2.79 -5.95 9.03
N ALA A 133 3.73 -6.81 9.38
CA ALA A 133 3.79 -8.16 8.83
C ALA A 133 2.48 -8.90 9.09
N ARG A 134 2.00 -8.80 10.32
CA ARG A 134 0.77 -9.46 10.75
C ARG A 134 -0.41 -8.94 9.94
N SER A 135 -0.47 -7.62 9.77
CA SER A 135 -1.52 -7.00 8.96
C SER A 135 -1.49 -7.54 7.54
N PHE A 136 -0.28 -7.55 6.95
CA PHE A 136 -0.07 -8.07 5.61
C PHE A 136 -0.59 -9.50 5.48
N CYS A 137 -0.02 -10.39 6.29
CA CYS A 137 -0.39 -11.79 6.24
C CYS A 137 -1.89 -11.97 6.44
N GLU A 138 -2.41 -11.34 7.48
CA GLU A 138 -3.83 -11.49 7.81
C GLU A 138 -4.69 -10.95 6.69
N ALA A 139 -4.25 -9.88 6.04
CA ALA A 139 -4.97 -9.33 4.89
C ALA A 139 -5.01 -10.35 3.77
N ALA A 140 -3.85 -10.94 3.47
CA ALA A 140 -3.77 -12.00 2.48
C ALA A 140 -4.74 -13.15 2.81
N LYS A 141 -4.65 -13.66 4.02
CA LYS A 141 -5.51 -14.77 4.44
C LYS A 141 -6.98 -14.36 4.36
N ARG A 142 -7.27 -13.12 4.73
CA ARG A 142 -8.63 -12.58 4.66
C ARG A 142 -9.14 -12.62 3.23
N ALA A 143 -8.33 -12.11 2.31
CA ALA A 143 -8.67 -12.15 0.89
C ALA A 143 -8.92 -13.58 0.43
N ALA A 144 -7.98 -14.47 0.76
CA ALA A 144 -8.11 -15.88 0.40
C ALA A 144 -9.43 -16.47 0.90
N LYS A 145 -9.75 -16.19 2.16
CA LYS A 145 -10.99 -16.70 2.74
C LYS A 145 -12.22 -16.10 2.06
N GLU A 146 -12.19 -14.79 1.83
CA GLU A 146 -13.30 -14.11 1.17
C GLU A 146 -13.54 -14.67 -0.22
N SER A 147 -12.45 -14.97 -0.94
CA SER A 147 -12.56 -15.59 -2.25
C SER A 147 -13.14 -17.01 -2.16
N ASN A 148 -12.96 -17.65 -1.02
CA ASN A 148 -13.43 -19.02 -0.82
C ASN A 148 -12.77 -19.97 -1.82
N ASP A 149 -11.49 -19.71 -2.13
CA ASP A 149 -10.73 -20.52 -3.07
C ASP A 149 -9.36 -20.85 -2.50
N GLU A 150 -8.88 -22.06 -2.78
CA GLU A 150 -7.62 -22.54 -2.22
C GLU A 150 -6.42 -22.02 -3.00
N GLU A 151 -6.55 -21.96 -4.33
CA GLU A 151 -5.47 -21.48 -5.18
C GLU A 151 -5.04 -20.07 -4.77
N VAL A 152 -5.96 -19.36 -4.12
CA VAL A 152 -5.66 -18.04 -3.56
C VAL A 152 -5.00 -18.20 -2.20
N GLU A 153 -5.49 -19.17 -1.43
CA GLU A 153 -4.90 -19.48 -0.13
C GLU A 153 -3.44 -19.84 -0.29
N LYS A 154 -3.10 -20.46 -1.42
CA LYS A 154 -1.72 -20.78 -1.75
C LYS A 154 -0.84 -19.54 -1.79
N ILE A 155 -1.11 -18.63 -2.72
CA ILE A 155 -0.33 -17.41 -2.86
C ILE A 155 -0.39 -16.59 -1.57
N ALA A 156 -1.52 -16.67 -0.86
CA ALA A 156 -1.63 -16.03 0.43
C ALA A 156 -0.59 -16.58 1.41
N LYS A 157 -0.51 -17.91 1.49
CA LYS A 157 0.47 -18.56 2.36
C LYS A 157 1.90 -18.26 1.91
N LYS A 158 2.12 -18.25 0.59
CA LYS A 158 3.43 -17.88 0.05
C LYS A 158 3.79 -16.46 0.48
N ALA A 159 2.81 -15.56 0.37
CA ALA A 159 3.02 -14.17 0.76
C ALA A 159 3.36 -14.08 2.25
N CYS A 160 2.59 -14.77 3.07
CA CYS A 160 2.87 -14.84 4.50
C CYS A 160 4.30 -15.33 4.76
N LYS A 161 4.68 -16.43 4.11
CA LYS A 161 6.05 -16.95 4.22
C LYS A 161 7.07 -15.88 3.87
N GLU A 162 6.89 -15.23 2.72
CA GLU A 162 7.77 -14.15 2.30
C GLU A 162 7.89 -13.08 3.37
N VAL A 163 6.75 -12.60 3.87
CA VAL A 163 6.76 -11.58 4.91
C VAL A 163 7.47 -12.10 6.17
N ALA A 164 7.26 -13.37 6.49
CA ALA A 164 7.88 -13.98 7.65
C ALA A 164 9.40 -13.94 7.49
N LYS A 165 9.88 -14.33 6.31
CA LYS A 165 11.30 -14.24 6.00
C LYS A 165 11.80 -12.80 6.13
N GLN A 166 11.09 -11.88 5.48
CA GLN A 166 11.43 -10.46 5.50
C GLN A 166 11.59 -9.91 6.91
N ALA A 167 10.52 -10.00 7.69
CA ALA A 167 10.50 -9.44 9.05
C ALA A 167 11.41 -10.23 9.99
N GLY A 168 11.68 -11.48 9.64
CA GLY A 168 12.58 -12.30 10.44
C GLY A 168 11.94 -12.77 11.72
N MET A 169 10.64 -13.05 11.67
CA MET A 169 9.92 -13.62 12.81
C MET A 169 9.06 -14.79 12.34
N PRO A 170 9.64 -16.01 12.34
CA PRO A 170 9.03 -17.20 11.76
C PRO A 170 7.62 -17.49 12.27
N TRP A 171 7.26 -16.95 13.43
CA TRP A 171 6.02 -17.30 14.09
C TRP A 171 4.78 -16.84 13.31
N LEU A 172 4.99 -15.96 12.33
CA LEU A 172 3.90 -15.55 11.45
C LEU A 172 3.42 -16.74 10.63
N GLU A 173 4.30 -17.25 9.77
CA GLU A 173 4.02 -18.46 9.00
C GLU A 173 5.27 -18.94 8.28
#